data_7MZ2
#
_entry.id   7MZ2
#
_cell.length_a   50.809
_cell.length_b   80.181
_cell.length_c   55.414
_cell.angle_alpha   90.000
_cell.angle_beta   107.560
_cell.angle_gamma   90.000
#
_symmetry.space_group_name_H-M   'P 1 21 1'
#
loop_
_entity.id
_entity.type
_entity.pdbx_description
1 polymer 'DNA polymerase beta'
2 polymer "DNA (5'-D(*CP*CP*GP*AP*CP*GP*(4DU)P*CP*GP*CP*AP*TP*CP*AP*GP*C)-3')"
3 polymer "DNA (5'-D(*GP*CP*TP*GP*AP*TP*GP*CP*GP*T)-3')"
4 polymer "DNA (5'-D(P*GP*TP*CP*GP*G)-3')"
5 non-polymer 'MAGNESIUM ION'
6 non-polymer 'SODIUM ION'
7 non-polymer "2'-deoxy-5'-O-[(R)-hydroxy{[(R)-hydroxy(phosphonooxy)phosphoryl]amino}phosphoryl]cytidine"
8 water water
#
loop_
_entity_poly.entity_id
_entity_poly.type
_entity_poly.pdbx_seq_one_letter_code
_entity_poly.pdbx_strand_id
1 'polypeptide(L)'
;TLNGGITDMLTELANFEKNVSQAIHKYNAYRKAASVIAKYPHKIKSGAEAKKLPGVGTKIAEKIDEFLATGKLRKLEKIR
QDDTSSSINFLTRVSGIGPSAARKFVDEGIKTLEDLRKNEDKLNHHQRIGLKYFGDFEKRIPREEMLQMQDIVLNEVKKV
DSEYIATVCGSFRRGAESSGDMDVLLTHPSFTSESTKQPKLLHQVVEQLQKVHFITDTLSKGETKFMGVCQLPSKNDEKE
YPHRRIDIRLIPKDQYYCGVLYFTGSDIFNKNMRAHALEKGFTINEYTIRPLGVTGVAGEPLPVDSEKDIFDYIQWKYRE
PKDRSE
;
A
2 'polydeoxyribonucleotide' (DC)(DC)(DG)(DA)(DC)(DG)(4DU)(DC)(DG)(DC)(DA)(DT)(DC)(DA)(DG)(DC) T
3 'polydeoxyribonucleotide' (DG)(DC)(DT)(DG)(DA)(DT)(DG)(DC)(DG)(DT) P
4 'polydeoxyribonucleotide' (DG)(DT)(DC)(DG)(DG) D
#
loop_
_chem_comp.id
_chem_comp.type
_chem_comp.name
_chem_comp.formula
0KX non-polymer 2'-deoxy-5'-O-[(R)-hydroxy{[(R)-hydroxy(phosphonooxy)phosphoryl]amino}phosphoryl]cytidine 'C9 H17 N4 O12 P3'
4DU DNA linking 1-(2-deoxy-5-O-phosphono-beta-D-erythro-pentofuranosyl)-1H-imidazo[4,5-c]pyridin-4-amine 'C11 H15 N4 O6 P'
DA DNA linking 2'-DEOXYADENOSINE-5'-MONOPHOSPHATE 'C10 H14 N5 O6 P'
DC DNA linking 2'-DEOXYCYTIDINE-5'-MONOPHOSPHATE 'C9 H14 N3 O7 P'
DG DNA linking 2'-DEOXYGUANOSINE-5'-MONOPHOSPHATE 'C10 H14 N5 O7 P'
DT DNA linking THYMIDINE-5'-MONOPHOSPHATE 'C10 H15 N2 O8 P'
MG non-polymer 'MAGNESIUM ION' 'Mg 2'
NA non-polymer 'SODIUM ION' 'Na 1'
#
# COMPACT_ATOMS: atom_id res chain seq x y z
N THR A 1 -0.32 20.73 4.83
CA THR A 1 0.75 20.24 5.68
C THR A 1 1.06 21.36 6.70
N LEU A 2 0.16 21.48 7.69
CA LEU A 2 0.31 22.43 8.78
C LEU A 2 1.26 21.84 9.83
N ASN A 3 1.33 20.51 9.86
CA ASN A 3 2.11 19.83 10.87
C ASN A 3 3.07 18.80 10.27
N GLY A 4 3.70 19.18 9.15
CA GLY A 4 4.60 18.30 8.44
C GLY A 4 5.80 17.82 9.24
N GLY A 5 6.37 18.71 10.05
CA GLY A 5 7.50 18.36 10.88
C GLY A 5 7.15 17.25 11.86
N ILE A 6 5.96 17.34 12.44
CA ILE A 6 5.50 16.36 13.40
C ILE A 6 5.19 15.01 12.76
N THR A 7 4.46 15.01 11.65
CA THR A 7 4.07 13.77 11.00
C THR A 7 5.27 13.05 10.38
N ASP A 8 6.26 13.83 9.95
CA ASP A 8 7.52 13.25 9.47
C ASP A 8 8.23 12.50 10.59
N MET A 9 8.32 13.15 11.75
CA MET A 9 8.95 12.56 12.93
C MET A 9 8.30 11.23 13.30
N LEU A 10 6.98 11.22 13.35
CA LEU A 10 6.22 10.03 13.73
C LEU A 10 6.40 8.92 12.70
N THR A 11 6.46 9.29 11.43
CA THR A 11 6.66 8.31 10.37
C THR A 11 8.04 7.67 10.48
N GLU A 12 9.04 8.46 10.82
CA GLU A 12 10.39 7.94 10.97
C GLU A 12 10.48 7.04 12.20
N LEU A 13 9.70 7.35 13.23
CA LEU A 13 9.62 6.51 14.41
C LEU A 13 8.88 5.22 14.09
N ALA A 14 7.81 5.35 13.29
CA ALA A 14 7.05 4.19 12.84
C ALA A 14 7.93 3.21 12.08
N ASN A 15 8.73 3.74 11.16
CA ASN A 15 9.63 2.92 10.35
C ASN A 15 10.72 2.26 11.20
N PHE A 16 11.14 2.94 12.27
CA PHE A 16 12.13 2.38 13.18
C PHE A 16 11.58 1.15 13.89
N GLU A 17 10.36 1.28 14.42
CA GLU A 17 9.75 0.19 15.17
C GLU A 17 9.46 -1.01 14.27
N LYS A 18 9.10 -0.74 13.02
CA LYS A 18 8.82 -1.80 12.05
C LYS A 18 10.09 -2.54 11.64
N ASN A 19 11.10 -1.80 11.22
CA ASN A 19 12.28 -2.37 10.59
C ASN A 19 13.34 -2.86 11.59
N VAL A 20 13.53 -2.12 12.67
CA VAL A 20 14.60 -2.41 13.60
C VAL A 20 14.11 -3.14 14.85
N SER A 21 13.10 -2.58 15.51
CA SER A 21 12.56 -3.18 16.72
C SER A 21 11.68 -4.38 16.42
N GLN A 22 11.21 -4.45 15.18
CA GLN A 22 10.23 -5.45 14.76
C GLN A 22 9.05 -5.48 15.72
N ALA A 23 8.49 -4.30 15.97
CA ALA A 23 7.31 -4.15 16.82
C ALA A 23 6.16 -3.56 16.01
N ILE A 24 5.37 -4.44 15.41
CA ILE A 24 4.40 -4.04 14.40
C ILE A 24 3.27 -3.15 14.94
N HIS A 25 2.95 -3.28 16.22
CA HIS A 25 1.84 -2.51 16.78
C HIS A 25 2.28 -1.10 17.12
N LYS A 26 3.56 -0.93 17.44
CA LYS A 26 4.13 0.40 17.61
C LYS A 26 4.20 1.10 16.27
N TYR A 27 4.58 0.35 15.24
CA TYR A 27 4.59 0.86 13.87
C TYR A 27 3.20 1.38 13.50
N ASN A 28 2.19 0.58 13.76
CA ASN A 28 0.81 0.97 13.49
C ASN A 28 0.33 2.10 14.40
N ALA A 29 0.83 2.11 15.64
CA ALA A 29 0.46 3.17 16.58
C ALA A 29 0.96 4.53 16.10
N TYR A 30 2.22 4.58 15.70
CA TYR A 30 2.81 5.82 15.20
C TYR A 30 2.16 6.27 13.89
N ARG A 31 1.89 5.34 12.99
CA ARG A 31 1.29 5.68 11.71
C ARG A 31 -0.15 6.19 11.88
N LYS A 32 -0.88 5.61 12.82
CA LYS A 32 -2.23 6.07 13.10
C LYS A 32 -2.21 7.50 13.64
N ALA A 33 -1.28 7.77 14.54
CA ALA A 33 -1.12 9.10 15.12
C ALA A 33 -0.74 10.12 14.05
N ALA A 34 0.21 9.73 13.20
CA ALA A 34 0.65 10.59 12.11
C ALA A 34 -0.51 10.91 11.17
N SER A 35 -1.37 9.92 10.94
CA SER A 35 -2.50 10.08 10.05
C SER A 35 -3.53 11.06 10.60
N VAL A 36 -3.90 10.90 11.88
CA VAL A 36 -4.93 11.74 12.48
C VAL A 36 -4.43 13.19 12.60
N ILE A 37 -3.13 13.35 12.80
CA ILE A 37 -2.54 14.68 12.90
C ILE A 37 -2.46 15.35 11.53
N ALA A 38 -2.18 14.56 10.50
CA ALA A 38 -2.05 15.07 9.15
C ALA A 38 -3.32 15.80 8.67
N LYS A 39 -4.48 15.33 9.12
CA LYS A 39 -5.74 15.92 8.68
C LYS A 39 -6.32 16.90 9.69
N TYR A 40 -5.61 17.11 10.80
CA TYR A 40 -6.00 18.12 11.78
C TYR A 40 -5.77 19.50 11.16
N PRO A 41 -6.82 20.33 11.10
CA PRO A 41 -6.75 21.58 10.32
C PRO A 41 -6.19 22.78 11.09
N HIS A 42 -5.40 22.54 12.13
CA HIS A 42 -4.71 23.61 12.83
C HIS A 42 -3.22 23.32 12.93
N LYS A 43 -2.41 24.37 13.00
CA LYS A 43 -1.00 24.23 13.32
C LYS A 43 -0.86 23.97 14.81
N ILE A 44 -0.43 22.75 15.15
CA ILE A 44 -0.39 22.31 16.54
C ILE A 44 0.60 23.11 17.38
N LYS A 45 0.12 23.59 18.53
CA LYS A 45 0.94 24.41 19.42
C LYS A 45 1.60 23.61 20.54
N SER A 46 1.01 22.47 20.89
CA SER A 46 1.49 21.69 22.03
C SER A 46 1.08 20.22 21.96
N GLY A 47 1.74 19.40 22.77
CA GLY A 47 1.42 17.99 22.86
C GLY A 47 0.05 17.76 23.47
N ALA A 48 -0.36 18.64 24.38
CA ALA A 48 -1.67 18.54 25.02
C ALA A 48 -2.78 18.71 24.00
N GLU A 49 -2.59 19.64 23.08
CA GLU A 49 -3.54 19.87 22.00
C GLU A 49 -3.63 18.65 21.10
N ALA A 50 -2.48 18.03 20.85
CA ALA A 50 -2.42 16.85 20.00
C ALA A 50 -3.01 15.64 20.70
N LYS A 51 -2.84 15.57 22.02
CA LYS A 51 -3.28 14.41 22.80
C LYS A 51 -4.81 14.26 22.77
N LYS A 52 -5.51 15.33 22.41
CA LYS A 52 -6.96 15.30 22.33
C LYS A 52 -7.43 14.45 21.15
N LEU A 53 -6.55 14.25 20.18
CA LEU A 53 -6.88 13.48 18.98
C LEU A 53 -6.81 11.98 19.27
N PRO A 54 -7.73 11.20 18.68
CA PRO A 54 -7.70 9.75 18.85
C PRO A 54 -6.46 9.13 18.19
N GLY A 55 -5.62 8.48 18.99
CA GLY A 55 -4.42 7.88 18.48
C GLY A 55 -3.17 8.52 19.06
N VAL A 56 -3.32 9.71 19.63
CA VAL A 56 -2.21 10.37 20.30
C VAL A 56 -2.33 10.21 21.81
N GLY A 57 -1.37 9.53 22.41
CA GLY A 57 -1.36 9.32 23.85
C GLY A 57 -0.33 10.19 24.54
N THR A 58 0.09 9.77 25.72
CA THR A 58 1.01 10.56 26.53
C THR A 58 2.41 10.60 25.95
N LYS A 59 2.92 9.45 25.52
CA LYS A 59 4.29 9.34 25.03
C LYS A 59 4.53 10.16 23.76
N ILE A 60 3.53 10.19 22.87
CA ILE A 60 3.66 10.95 21.63
C ILE A 60 3.47 12.46 21.89
N ALA A 61 2.58 12.79 22.82
CA ALA A 61 2.37 14.18 23.21
C ALA A 61 3.68 14.79 23.73
N GLU A 62 4.43 13.98 24.48
CA GLU A 62 5.70 14.43 25.04
C GLU A 62 6.73 14.64 23.94
N LYS A 63 6.72 13.77 22.93
CA LYS A 63 7.64 13.90 21.80
C LYS A 63 7.32 15.15 20.99
N ILE A 64 6.03 15.44 20.83
CA ILE A 64 5.61 16.61 20.08
C ILE A 64 6.01 17.90 20.81
N ASP A 65 5.98 17.86 22.14
CA ASP A 65 6.45 19.00 22.93
C ASP A 65 7.95 19.21 22.76
N GLU A 66 8.72 18.12 22.79
CA GLU A 66 10.16 18.22 22.53
C GLU A 66 10.41 18.77 21.13
N PHE A 67 9.69 18.25 20.15
CA PHE A 67 9.89 18.67 18.76
C PHE A 67 9.55 20.13 18.55
N LEU A 68 8.45 20.58 19.12
CA LEU A 68 8.02 21.96 18.94
C LEU A 68 8.98 22.93 19.61
N ALA A 69 9.57 22.51 20.71
CA ALA A 69 10.49 23.36 21.46
C ALA A 69 11.86 23.45 20.79
N THR A 70 12.33 22.36 20.19
CA THR A 70 13.70 22.28 19.71
C THR A 70 13.85 22.02 18.21
N GLY A 71 12.77 21.60 17.56
CA GLY A 71 12.83 21.30 16.14
C GLY A 71 13.44 19.95 15.83
N LYS A 72 13.65 19.15 16.88
CA LYS A 72 14.19 17.80 16.69
C LYS A 72 13.81 16.87 17.84
N LEU A 73 14.17 15.61 17.70
CA LEU A 73 13.89 14.59 18.69
C LEU A 73 15.17 13.84 19.02
N ARG A 74 15.60 13.91 20.27
CA ARG A 74 16.84 13.28 20.69
C ARG A 74 16.84 11.77 20.40
N LYS A 75 15.70 11.14 20.65
CA LYS A 75 15.54 9.71 20.38
C LYS A 75 15.82 9.37 18.92
N LEU A 76 15.30 10.19 18.01
CA LEU A 76 15.55 9.99 16.59
C LEU A 76 17.00 10.29 16.22
N GLU A 77 17.56 11.33 16.82
CA GLU A 77 18.94 11.70 16.59
C GLU A 77 19.89 10.55 16.92
N LYS A 78 19.62 9.86 18.03
CA LYS A 78 20.42 8.71 18.43
C LYS A 78 20.27 7.57 17.43
N ILE A 79 19.04 7.28 17.03
CA ILE A 79 18.74 6.22 16.08
C ILE A 79 19.46 6.44 14.76
N ARG A 80 19.55 7.70 14.33
CA ARG A 80 20.21 8.04 13.08
C ARG A 80 21.71 7.77 13.11
N GLN A 81 22.31 7.85 14.29
CA GLN A 81 23.76 7.65 14.43
C GLN A 81 24.12 6.19 14.66
N ASP A 82 23.12 5.35 14.92
CA ASP A 82 23.36 3.93 15.11
C ASP A 82 23.60 3.25 13.77
N ASP A 83 24.73 2.57 13.65
CA ASP A 83 25.12 1.93 12.39
C ASP A 83 24.18 0.80 12.00
N THR A 84 23.83 -0.05 12.97
CA THR A 84 22.99 -1.21 12.72
C THR A 84 21.58 -0.80 12.28
N SER A 85 21.00 0.14 13.01
CA SER A 85 19.67 0.64 12.69
C SER A 85 19.63 1.28 11.30
N SER A 86 20.67 2.06 10.99
CA SER A 86 20.76 2.74 9.71
C SER A 86 20.94 1.75 8.57
N SER A 87 21.70 0.69 8.82
CA SER A 87 21.91 -0.36 7.82
C SER A 87 20.60 -1.12 7.56
N ILE A 88 19.95 -1.52 8.64
CA ILE A 88 18.68 -2.26 8.54
C ILE A 88 17.60 -1.43 7.86
N ASN A 89 17.49 -0.16 8.27
CA ASN A 89 16.52 0.73 7.66
C ASN A 89 16.77 0.91 6.16
N PHE A 90 18.03 0.96 5.76
CA PHE A 90 18.34 1.07 4.34
C PHE A 90 17.93 -0.17 3.56
N LEU A 91 18.40 -1.33 4.01
CA LEU A 91 18.17 -2.59 3.30
C LEU A 91 16.68 -2.88 3.09
N THR A 92 15.85 -2.54 4.07
CA THR A 92 14.42 -2.79 3.97
C THR A 92 13.73 -1.94 2.91
N ARG A 93 14.46 -0.99 2.33
CA ARG A 93 13.90 -0.15 1.28
C ARG A 93 13.90 -0.90 -0.04
N VAL A 94 14.62 -2.02 -0.10
CA VAL A 94 14.56 -2.91 -1.25
C VAL A 94 13.33 -3.80 -1.13
N SER A 95 12.50 -3.82 -2.17
CA SER A 95 11.30 -4.63 -2.14
C SER A 95 11.65 -6.11 -2.05
N GLY A 96 11.09 -6.80 -1.06
CA GLY A 96 11.39 -8.19 -0.85
C GLY A 96 12.31 -8.39 0.35
N ILE A 97 13.02 -7.33 0.72
CA ILE A 97 13.82 -7.36 1.94
C ILE A 97 13.03 -6.76 3.09
N GLY A 98 12.66 -7.59 4.06
CA GLY A 98 11.94 -7.13 5.22
C GLY A 98 12.86 -7.02 6.41
N PRO A 99 12.30 -6.76 7.60
CA PRO A 99 13.06 -6.60 8.84
C PRO A 99 13.92 -7.82 9.19
N SER A 100 13.40 -9.03 8.95
CA SER A 100 14.14 -10.25 9.27
C SER A 100 15.34 -10.42 8.34
N ALA A 101 15.10 -10.35 7.04
CA ALA A 101 16.16 -10.54 6.06
C ALA A 101 17.21 -9.43 6.13
N ALA A 102 16.77 -8.22 6.43
CA ALA A 102 17.67 -7.08 6.53
C ALA A 102 18.69 -7.32 7.64
N ARG A 103 18.19 -7.73 8.81
CA ARG A 103 19.04 -7.97 9.96
C ARG A 103 19.98 -9.15 9.71
N LYS A 104 19.51 -10.13 8.94
CA LYS A 104 20.32 -11.28 8.59
C LYS A 104 21.48 -10.87 7.68
N PHE A 105 21.17 -10.08 6.66
CA PHE A 105 22.19 -9.58 5.72
C PHE A 105 23.26 -8.79 6.45
N VAL A 106 22.84 -7.93 7.37
CA VAL A 106 23.77 -7.12 8.16
C VAL A 106 24.74 -7.99 8.95
N ASP A 107 24.22 -9.09 9.50
CA ASP A 107 25.05 -10.05 10.23
C ASP A 107 26.15 -10.63 9.34
N GLU A 108 25.86 -10.77 8.05
CA GLU A 108 26.80 -11.35 7.10
C GLU A 108 27.66 -10.30 6.41
N GLY A 109 27.56 -9.05 6.87
CA GLY A 109 28.36 -7.98 6.32
C GLY A 109 27.85 -7.43 5.01
N ILE A 110 26.59 -7.70 4.70
CA ILE A 110 25.94 -7.13 3.53
C ILE A 110 25.04 -5.98 3.97
N LYS A 111 25.52 -4.75 3.85
CA LYS A 111 24.82 -3.61 4.44
C LYS A 111 24.78 -2.35 3.58
N THR A 112 25.32 -2.41 2.36
CA THR A 112 25.22 -1.26 1.45
C THR A 112 24.68 -1.69 0.09
N LEU A 113 24.29 -0.70 -0.72
CA LEU A 113 23.79 -0.95 -2.07
C LEU A 113 24.78 -1.75 -2.89
N GLU A 114 26.05 -1.40 -2.69
CA GLU A 114 27.18 -2.01 -3.37
C GLU A 114 27.37 -3.47 -2.95
N ASP A 115 27.15 -3.74 -1.66
CA ASP A 115 27.21 -5.10 -1.13
C ASP A 115 26.13 -5.97 -1.77
N LEU A 116 24.94 -5.40 -1.94
CA LEU A 116 23.83 -6.11 -2.56
C LEU A 116 24.15 -6.47 -4.00
N ARG A 117 24.81 -5.55 -4.71
CA ARG A 117 25.07 -5.70 -6.13
C ARG A 117 26.16 -6.72 -6.44
N LYS A 118 26.98 -7.05 -5.45
CA LYS A 118 28.01 -8.06 -5.65
C LYS A 118 27.59 -9.39 -5.06
N ASN A 119 26.43 -9.41 -4.41
CA ASN A 119 25.91 -10.62 -3.78
C ASN A 119 24.51 -10.97 -4.26
N GLU A 120 24.27 -10.81 -5.55
CA GLU A 120 22.96 -11.08 -6.17
C GLU A 120 22.51 -12.52 -5.94
N ASP A 121 23.47 -13.44 -5.87
CA ASP A 121 23.16 -14.86 -5.72
C ASP A 121 22.57 -15.20 -4.35
N LYS A 122 22.68 -14.27 -3.40
CA LYS A 122 22.14 -14.47 -2.07
C LYS A 122 20.72 -13.90 -1.94
N LEU A 123 20.19 -13.37 -3.03
CA LEU A 123 18.86 -12.78 -3.03
C LEU A 123 17.85 -13.72 -3.68
N ASN A 124 16.64 -13.77 -3.14
CA ASN A 124 15.57 -14.50 -3.82
C ASN A 124 15.10 -13.67 -5.01
N HIS A 125 14.16 -14.21 -5.78
CA HIS A 125 13.77 -13.56 -7.03
C HIS A 125 13.19 -12.17 -6.83
N HIS A 126 12.28 -12.05 -5.86
CA HIS A 126 11.64 -10.77 -5.54
C HIS A 126 12.70 -9.71 -5.20
N GLN A 127 13.64 -10.09 -4.35
CA GLN A 127 14.69 -9.18 -3.90
C GLN A 127 15.61 -8.74 -5.02
N ARG A 128 15.91 -9.66 -5.95
CA ARG A 128 16.79 -9.34 -7.06
C ARG A 128 16.19 -8.27 -7.98
N ILE A 129 14.88 -8.34 -8.17
CA ILE A 129 14.19 -7.35 -9.00
C ILE A 129 14.07 -6.04 -8.21
N GLY A 130 13.85 -6.17 -6.90
CA GLY A 130 13.79 -5.02 -6.02
C GLY A 130 15.10 -4.24 -6.04
N LEU A 131 16.20 -4.97 -6.11
CA LEU A 131 17.53 -4.36 -6.21
C LEU A 131 17.72 -3.72 -7.59
N LYS A 132 17.37 -4.48 -8.62
CA LYS A 132 17.48 -4.05 -10.01
C LYS A 132 16.87 -2.67 -10.24
N TYR A 133 15.66 -2.47 -9.73
CA TYR A 133 14.95 -1.22 -9.95
C TYR A 133 14.85 -0.38 -8.68
N PHE A 134 15.82 -0.54 -7.80
CA PHE A 134 15.84 0.18 -6.52
C PHE A 134 15.64 1.68 -6.70
N GLY A 135 16.34 2.26 -7.67
CA GLY A 135 16.24 3.68 -7.94
C GLY A 135 14.88 4.08 -8.50
N ASP A 136 14.39 3.29 -9.47
CA ASP A 136 13.12 3.61 -10.12
C ASP A 136 11.93 3.52 -9.17
N PHE A 137 11.95 2.53 -8.29
CA PHE A 137 10.82 2.32 -7.37
C PHE A 137 10.75 3.42 -6.31
N GLU A 138 11.82 4.20 -6.20
CA GLU A 138 11.84 5.36 -5.31
C GLU A 138 11.00 6.51 -5.88
N LYS A 139 10.91 6.56 -7.20
CA LYS A 139 10.26 7.67 -7.89
C LYS A 139 8.74 7.55 -7.88
N ARG A 140 8.07 8.69 -7.81
CA ARG A 140 6.63 8.72 -7.86
C ARG A 140 6.16 8.86 -9.30
N ILE A 141 4.91 8.49 -9.56
CA ILE A 141 4.35 8.53 -10.90
C ILE A 141 3.40 9.70 -11.05
N PRO A 142 3.74 10.66 -11.93
CA PRO A 142 2.80 11.76 -12.16
C PRO A 142 1.47 11.22 -12.69
N ARG A 143 0.36 11.84 -12.32
CA ARG A 143 -0.95 11.32 -12.70
C ARG A 143 -1.10 11.25 -14.22
N GLU A 144 -0.39 12.14 -14.92
CA GLU A 144 -0.41 12.15 -16.37
C GLU A 144 0.10 10.83 -16.93
N GLU A 145 1.16 10.29 -16.31
CA GLU A 145 1.68 8.99 -16.70
C GLU A 145 0.73 7.87 -16.29
N MET A 146 0.10 8.03 -15.13
CA MET A 146 -0.88 7.05 -14.66
C MET A 146 -2.02 6.91 -15.66
N LEU A 147 -2.40 8.02 -16.28
CA LEU A 147 -3.46 8.01 -17.28
C LEU A 147 -3.03 7.30 -18.56
N GLN A 148 -1.77 7.49 -18.97
CA GLN A 148 -1.22 6.76 -20.10
C GLN A 148 -1.23 5.26 -19.84
N MET A 149 -0.81 4.89 -18.63
CA MET A 149 -0.72 3.49 -18.22
C MET A 149 -2.11 2.86 -18.15
N GLN A 150 -3.07 3.62 -17.62
CA GLN A 150 -4.45 3.19 -17.56
C GLN A 150 -4.97 2.85 -18.97
N ASP A 151 -4.67 3.75 -19.90
CA ASP A 151 -5.08 3.59 -21.29
C ASP A 151 -4.53 2.31 -21.89
N ILE A 152 -3.25 2.03 -21.65
CA ILE A 152 -2.62 0.83 -22.15
C ILE A 152 -3.24 -0.42 -21.54
N VAL A 153 -3.25 -0.49 -20.21
CA VAL A 153 -3.79 -1.65 -19.51
C VAL A 153 -5.24 -1.93 -19.91
N LEU A 154 -6.06 -0.88 -19.98
CA LEU A 154 -7.49 -1.06 -20.22
C LEU A 154 -7.79 -1.58 -21.64
N ASN A 155 -7.01 -1.16 -22.63
CA ASN A 155 -7.23 -1.61 -23.98
C ASN A 155 -6.55 -2.96 -24.30
N GLU A 156 -5.40 -3.23 -23.70
CA GLU A 156 -4.80 -4.55 -23.85
C GLU A 156 -5.70 -5.62 -23.24
N VAL A 157 -6.37 -5.25 -22.15
CA VAL A 157 -7.30 -6.14 -21.48
C VAL A 157 -8.54 -6.39 -22.34
N LYS A 158 -9.05 -5.32 -22.96
CA LYS A 158 -10.18 -5.42 -23.89
C LYS A 158 -9.87 -6.36 -25.06
N LYS A 159 -8.61 -6.32 -25.52
CA LYS A 159 -8.19 -7.13 -26.66
C LYS A 159 -8.16 -8.62 -26.35
N VAL A 160 -7.94 -8.97 -25.09
CA VAL A 160 -7.96 -10.36 -24.67
C VAL A 160 -9.39 -10.88 -24.61
N ASP A 161 -10.24 -10.15 -23.87
CA ASP A 161 -11.65 -10.48 -23.78
C ASP A 161 -12.44 -9.22 -23.45
N SER A 162 -13.40 -8.88 -24.31
CA SER A 162 -14.18 -7.65 -24.16
C SER A 162 -15.04 -7.64 -22.90
N GLU A 163 -15.09 -8.75 -22.19
CA GLU A 163 -15.91 -8.87 -20.99
C GLU A 163 -15.11 -8.67 -19.70
N TYR A 164 -13.79 -8.62 -19.83
CA TYR A 164 -12.95 -8.19 -18.72
C TYR A 164 -13.30 -6.75 -18.37
N ILE A 165 -13.28 -6.43 -17.08
CA ILE A 165 -13.29 -5.03 -16.66
C ILE A 165 -12.10 -4.74 -15.76
N ALA A 166 -11.29 -3.78 -16.16
CA ALA A 166 -10.13 -3.39 -15.37
C ALA A 166 -10.34 -2.01 -14.77
N THR A 167 -10.18 -1.92 -13.46
CA THR A 167 -10.36 -0.65 -12.75
C THR A 167 -9.08 -0.28 -12.00
N VAL A 168 -8.53 0.89 -12.30
CA VAL A 168 -7.36 1.36 -11.58
C VAL A 168 -7.79 1.89 -10.23
N CYS A 169 -7.25 1.31 -9.16
CA CYS A 169 -7.63 1.68 -7.81
C CYS A 169 -6.49 2.37 -7.09
N GLY A 170 -6.33 2.07 -5.80
CA GLY A 170 -5.28 2.66 -5.00
C GLY A 170 -5.37 4.18 -4.97
N SER A 171 -4.22 4.83 -4.84
CA SER A 171 -4.16 6.29 -4.74
C SER A 171 -4.67 7.00 -6.00
N PHE A 172 -4.60 6.33 -7.15
CA PHE A 172 -5.10 6.91 -8.39
C PHE A 172 -6.60 7.14 -8.31
N ARG A 173 -7.34 6.13 -7.86
CA ARG A 173 -8.78 6.22 -7.77
C ARG A 173 -9.18 7.25 -6.71
N ARG A 174 -8.27 7.51 -5.76
CA ARG A 174 -8.51 8.52 -4.73
C ARG A 174 -8.17 9.92 -5.23
N GLY A 175 -7.79 10.01 -6.50
CA GLY A 175 -7.58 11.30 -7.15
C GLY A 175 -6.22 11.94 -6.91
N ALA A 176 -5.25 11.14 -6.46
CA ALA A 176 -3.90 11.65 -6.19
C ALA A 176 -3.25 12.21 -7.45
N GLU A 177 -2.52 13.31 -7.30
CA GLU A 177 -1.84 13.93 -8.43
C GLU A 177 -0.54 13.17 -8.76
N SER A 178 -0.16 12.27 -7.86
CA SER A 178 0.94 11.34 -8.14
C SER A 178 0.79 10.08 -7.29
N SER A 179 1.21 8.96 -7.84
CA SER A 179 1.07 7.66 -7.17
C SER A 179 2.42 6.97 -6.98
N GLY A 180 2.48 6.09 -5.98
CA GLY A 180 3.68 5.31 -5.74
C GLY A 180 3.79 4.17 -6.74
N ASP A 181 2.64 3.67 -7.19
CA ASP A 181 2.59 2.59 -8.16
C ASP A 181 1.23 2.50 -8.84
N MET A 182 1.01 1.46 -9.62
CA MET A 182 -0.28 1.23 -10.25
C MET A 182 -0.98 0.02 -9.66
N ASP A 183 -2.25 0.19 -9.30
CA ASP A 183 -3.06 -0.87 -8.74
C ASP A 183 -4.29 -1.14 -9.59
N VAL A 184 -4.40 -2.36 -10.10
CA VAL A 184 -5.49 -2.70 -11.01
C VAL A 184 -6.40 -3.78 -10.47
N LEU A 185 -7.69 -3.47 -10.37
CA LEU A 185 -8.69 -4.47 -10.02
C LEU A 185 -9.28 -5.06 -11.30
N LEU A 186 -9.30 -6.39 -11.37
CA LEU A 186 -9.76 -7.09 -12.57
C LEU A 186 -10.94 -7.99 -12.29
N THR A 187 -11.96 -7.92 -13.15
CA THR A 187 -13.08 -8.87 -13.07
C THR A 187 -13.40 -9.48 -14.43
N HIS A 188 -13.99 -10.66 -14.38
CA HIS A 188 -14.46 -11.36 -15.58
C HIS A 188 -15.66 -12.19 -15.15
N PRO A 189 -16.75 -12.17 -15.93
CA PRO A 189 -17.98 -12.86 -15.52
C PRO A 189 -17.80 -14.37 -15.32
N SER A 190 -16.71 -14.95 -15.84
CA SER A 190 -16.45 -16.37 -15.68
C SER A 190 -16.01 -16.71 -14.26
N PHE A 191 -15.51 -15.71 -13.54
CA PHE A 191 -15.01 -15.92 -12.18
C PHE A 191 -15.90 -15.22 -11.16
N THR A 192 -16.75 -16.00 -10.50
CA THR A 192 -17.62 -15.47 -9.45
C THR A 192 -17.39 -16.23 -8.15
N SER A 193 -18.09 -15.82 -7.10
CA SER A 193 -18.00 -16.49 -5.81
C SER A 193 -18.59 -17.90 -5.88
N GLU A 194 -19.35 -18.15 -6.94
CA GLU A 194 -19.99 -19.44 -7.12
C GLU A 194 -19.12 -20.44 -7.85
N SER A 195 -18.43 -19.97 -8.90
CA SER A 195 -17.58 -20.87 -9.65
C SER A 195 -16.52 -20.13 -10.47
N THR A 196 -15.57 -20.91 -10.97
CA THR A 196 -14.58 -20.44 -11.91
C THR A 196 -14.72 -21.25 -13.20
N LYS A 197 -15.40 -20.67 -14.18
CA LYS A 197 -15.74 -21.40 -15.40
C LYS A 197 -14.61 -21.34 -16.43
N GLN A 198 -13.52 -20.68 -16.07
CA GLN A 198 -12.40 -20.49 -16.98
C GLN A 198 -11.08 -20.41 -16.20
N PRO A 199 -10.09 -21.22 -16.60
CA PRO A 199 -8.76 -21.09 -15.98
C PRO A 199 -7.94 -19.97 -16.63
N LYS A 200 -6.80 -19.65 -16.01
CA LYS A 200 -5.84 -18.70 -16.56
C LYS A 200 -6.38 -17.29 -16.82
N LEU A 201 -7.43 -16.89 -16.09
CA LEU A 201 -8.03 -15.58 -16.33
C LEU A 201 -7.06 -14.43 -16.05
N LEU A 202 -6.26 -14.56 -14.99
CA LEU A 202 -5.26 -13.56 -14.67
C LEU A 202 -4.02 -13.73 -15.55
N HIS A 203 -3.62 -14.98 -15.74
CA HIS A 203 -2.46 -15.33 -16.57
C HIS A 203 -2.53 -14.71 -17.96
N GLN A 204 -3.66 -14.88 -18.62
CA GLN A 204 -3.84 -14.40 -19.98
C GLN A 204 -3.70 -12.88 -20.09
N VAL A 205 -4.09 -12.17 -19.03
CA VAL A 205 -3.95 -10.72 -19.01
C VAL A 205 -2.48 -10.33 -18.84
N VAL A 206 -1.82 -10.98 -17.89
CA VAL A 206 -0.38 -10.77 -17.66
C VAL A 206 0.40 -11.05 -18.94
N GLU A 207 0.11 -12.19 -19.54
CA GLU A 207 0.72 -12.64 -20.79
C GLU A 207 0.64 -11.56 -21.87
N GLN A 208 -0.56 -11.04 -22.09
CA GLN A 208 -0.80 -10.01 -23.10
C GLN A 208 0.00 -8.74 -22.82
N LEU A 209 0.04 -8.33 -21.57
CA LEU A 209 0.75 -7.12 -21.18
C LEU A 209 2.26 -7.31 -21.29
N GLN A 210 2.70 -8.56 -21.18
CA GLN A 210 4.10 -8.89 -21.41
C GLN A 210 4.40 -8.85 -22.91
N LYS A 211 3.45 -9.35 -23.71
CA LYS A 211 3.63 -9.41 -25.15
C LYS A 211 3.85 -8.02 -25.77
N VAL A 212 3.13 -7.03 -25.27
CA VAL A 212 3.30 -5.66 -25.77
C VAL A 212 4.40 -4.93 -25.01
N HIS A 213 5.17 -5.70 -24.24
CA HIS A 213 6.32 -5.19 -23.49
C HIS A 213 5.95 -4.11 -22.48
N PHE A 214 4.74 -4.16 -21.95
CA PHE A 214 4.36 -3.26 -20.87
C PHE A 214 4.89 -3.84 -19.56
N ILE A 215 4.48 -5.06 -19.24
CA ILE A 215 5.04 -5.77 -18.09
C ILE A 215 6.44 -6.30 -18.45
N THR A 216 7.41 -5.98 -17.60
CA THR A 216 8.80 -6.30 -17.87
C THR A 216 9.38 -7.32 -16.91
N ASP A 217 8.80 -7.41 -15.72
CA ASP A 217 9.28 -8.33 -14.69
C ASP A 217 8.13 -8.83 -13.83
N THR A 218 8.36 -9.93 -13.12
CA THR A 218 7.35 -10.51 -12.24
C THR A 218 7.93 -10.74 -10.86
N LEU A 219 7.30 -10.16 -9.83
CA LEU A 219 7.74 -10.33 -8.46
C LEU A 219 7.11 -11.57 -7.84
N SER A 220 5.81 -11.73 -8.09
CA SER A 220 5.06 -12.90 -7.64
C SER A 220 3.79 -13.01 -8.45
N LYS A 221 3.27 -14.23 -8.56
CA LYS A 221 2.11 -14.47 -9.42
C LYS A 221 1.35 -15.71 -9.02
N GLY A 222 0.05 -15.54 -8.73
CA GLY A 222 -0.81 -16.64 -8.40
C GLY A 222 -2.09 -16.55 -9.21
N GLU A 223 -3.09 -17.33 -8.81
CA GLU A 223 -4.35 -17.38 -9.53
C GLU A 223 -5.13 -16.06 -9.46
N THR A 224 -4.96 -15.33 -8.36
CA THR A 224 -5.75 -14.12 -8.15
C THR A 224 -4.93 -12.84 -8.00
N LYS A 225 -3.65 -12.96 -7.68
CA LYS A 225 -2.83 -11.75 -7.51
C LYS A 225 -1.53 -11.78 -8.29
N PHE A 226 -1.29 -10.71 -9.04
CA PHE A 226 -0.04 -10.50 -9.73
C PHE A 226 0.69 -9.30 -9.15
N MET A 227 1.98 -9.46 -8.92
CA MET A 227 2.83 -8.40 -8.40
C MET A 227 4.06 -8.30 -9.29
N GLY A 228 4.22 -7.18 -9.98
CA GLY A 228 5.28 -7.08 -10.97
C GLY A 228 5.76 -5.69 -11.33
N VAL A 229 6.37 -5.59 -12.51
CA VAL A 229 6.99 -4.36 -12.96
C VAL A 229 6.50 -3.98 -14.36
N CYS A 230 6.29 -2.69 -14.60
CA CYS A 230 5.89 -2.24 -15.92
C CYS A 230 6.62 -0.95 -16.33
N GLN A 231 6.52 -0.61 -17.61
CA GLN A 231 7.20 0.57 -18.15
C GLN A 231 6.46 1.12 -19.36
N LEU A 232 6.18 2.42 -19.36
CA LEU A 232 5.59 3.09 -20.51
C LEU A 232 6.58 3.05 -21.67
N PRO A 233 6.05 2.93 -22.90
CA PRO A 233 6.96 3.05 -24.04
C PRO A 233 7.33 4.51 -24.29
N SER A 234 8.53 4.73 -24.81
CA SER A 234 9.01 6.10 -25.06
C SER A 234 9.24 6.33 -26.55
N LYS A 235 9.14 7.58 -26.97
CA LYS A 235 9.27 7.91 -28.38
C LYS A 235 10.73 7.91 -28.83
N ASN A 236 10.95 8.11 -30.12
CA ASN A 236 12.30 8.08 -30.69
C ASN A 236 13.21 9.13 -30.06
N ASP A 237 14.43 8.70 -29.70
CA ASP A 237 15.45 9.54 -29.08
C ASP A 237 15.09 10.03 -27.67
N GLU A 238 13.91 9.63 -27.19
CA GLU A 238 13.46 9.98 -25.85
C GLU A 238 14.16 9.12 -24.80
N LYS A 239 14.52 9.72 -23.67
CA LYS A 239 14.98 8.94 -22.53
C LYS A 239 13.83 8.08 -22.04
N GLU A 240 14.14 6.88 -21.58
CA GLU A 240 13.10 5.95 -21.15
C GLU A 240 12.40 6.41 -19.88
N TYR A 241 11.16 5.99 -19.73
CA TYR A 241 10.43 6.18 -18.47
C TYR A 241 11.02 5.27 -17.41
N PRO A 242 10.87 5.65 -16.13
CA PRO A 242 11.25 4.76 -15.03
C PRO A 242 10.40 3.49 -15.05
N HIS A 243 10.97 2.38 -14.56
CA HIS A 243 10.18 1.17 -14.37
C HIS A 243 9.27 1.36 -13.15
N ARG A 244 8.06 0.84 -13.24
CA ARG A 244 7.06 1.05 -12.18
C ARG A 244 6.54 -0.27 -11.63
N ARG A 245 6.20 -0.27 -10.35
CA ARG A 245 5.52 -1.40 -9.74
C ARG A 245 4.06 -1.44 -10.17
N ILE A 246 3.57 -2.64 -10.50
CA ILE A 246 2.16 -2.81 -10.83
C ILE A 246 1.58 -4.01 -10.10
N ASP A 247 0.41 -3.82 -9.50
CA ASP A 247 -0.30 -4.89 -8.83
C ASP A 247 -1.62 -5.15 -9.53
N ILE A 248 -1.88 -6.41 -9.85
CA ILE A 248 -3.16 -6.77 -10.46
C ILE A 248 -3.88 -7.80 -9.61
N ARG A 249 -5.12 -7.48 -9.24
CA ARG A 249 -5.90 -8.33 -8.36
C ARG A 249 -7.19 -8.77 -9.02
N LEU A 250 -7.30 -10.06 -9.29
CA LEU A 250 -8.52 -10.63 -9.86
C LEU A 250 -9.51 -10.94 -8.73
N ILE A 251 -10.71 -10.39 -8.84
CA ILE A 251 -11.71 -10.55 -7.78
C ILE A 251 -13.02 -11.04 -8.38
N PRO A 252 -13.70 -11.97 -7.68
CA PRO A 252 -14.99 -12.49 -8.15
C PRO A 252 -15.95 -11.37 -8.54
N LYS A 253 -16.49 -11.46 -9.76
CA LYS A 253 -17.30 -10.41 -10.35
C LYS A 253 -18.42 -9.90 -9.45
N ASP A 254 -19.08 -10.82 -8.75
CA ASP A 254 -20.21 -10.46 -7.90
C ASP A 254 -19.77 -9.80 -6.59
N GLN A 255 -18.47 -9.80 -6.33
CA GLN A 255 -17.94 -9.20 -5.11
C GLN A 255 -17.07 -7.98 -5.42
N TYR A 256 -17.41 -7.30 -6.52
CA TYR A 256 -16.65 -6.15 -6.99
C TYR A 256 -16.59 -5.01 -5.97
N TYR A 257 -17.72 -4.70 -5.36
CA TYR A 257 -17.81 -3.53 -4.49
C TYR A 257 -16.98 -3.66 -3.20
N CYS A 258 -16.94 -4.86 -2.64
CA CYS A 258 -16.07 -5.12 -1.50
C CYS A 258 -14.61 -5.08 -1.95
N GLY A 259 -14.38 -5.56 -3.18
CA GLY A 259 -13.06 -5.57 -3.74
C GLY A 259 -12.52 -4.20 -4.06
N VAL A 260 -13.35 -3.35 -4.66
CA VAL A 260 -12.91 -2.02 -5.03
C VAL A 260 -12.79 -1.13 -3.80
N LEU A 261 -13.56 -1.43 -2.76
CA LEU A 261 -13.41 -0.71 -1.49
C LEU A 261 -12.05 -1.01 -0.91
N TYR A 262 -11.71 -2.29 -0.87
CA TYR A 262 -10.41 -2.73 -0.38
C TYR A 262 -9.25 -2.10 -1.14
N PHE A 263 -9.27 -2.21 -2.46
CA PHE A 263 -8.12 -1.84 -3.27
C PHE A 263 -7.99 -0.34 -3.50
N THR A 264 -9.03 0.42 -3.14
CA THR A 264 -8.99 1.88 -3.27
C THR A 264 -8.26 2.48 -2.07
N GLY A 265 -8.41 1.85 -0.92
CA GLY A 265 -7.68 2.27 0.28
C GLY A 265 -8.17 3.60 0.84
N SER A 266 -7.30 4.30 1.57
CA SER A 266 -5.91 3.92 1.80
C SER A 266 -5.75 2.75 2.77
N ASP A 267 -4.51 2.34 3.00
CA ASP A 267 -4.25 1.23 3.89
C ASP A 267 -4.72 1.55 5.31
N ILE A 268 -4.46 2.77 5.76
CA ILE A 268 -4.87 3.19 7.09
C ILE A 268 -6.39 3.41 7.15
N PHE A 269 -6.98 3.90 6.06
CA PHE A 269 -8.43 4.03 5.99
C PHE A 269 -9.09 2.66 6.15
N ASN A 270 -8.54 1.66 5.46
CA ASN A 270 -9.05 0.30 5.56
C ASN A 270 -8.94 -0.26 6.98
N LYS A 271 -7.80 -0.04 7.61
CA LYS A 271 -7.59 -0.48 9.00
C LYS A 271 -8.63 0.13 9.93
N ASN A 272 -8.83 1.44 9.80
CA ASN A 272 -9.80 2.15 10.63
C ASN A 272 -11.22 1.68 10.36
N MET A 273 -11.58 1.51 9.09
CA MET A 273 -12.92 1.11 8.72
C MET A 273 -13.23 -0.30 9.19
N ARG A 274 -12.29 -1.22 8.97
CA ARG A 274 -12.47 -2.60 9.38
C ARG A 274 -12.51 -2.74 10.90
N ALA A 275 -11.70 -1.91 11.58
CA ALA A 275 -11.73 -1.87 13.04
C ALA A 275 -13.08 -1.39 13.53
N HIS A 276 -13.60 -0.34 12.90
CA HIS A 276 -14.91 0.20 13.24
C HIS A 276 -16.00 -0.83 12.99
N ALA A 277 -15.85 -1.59 11.91
CA ALA A 277 -16.79 -2.65 11.58
C ALA A 277 -16.88 -3.67 12.70
N LEU A 278 -15.73 -4.02 13.25
CA LEU A 278 -15.65 -4.94 14.38
C LEU A 278 -16.40 -4.41 15.60
N GLU A 279 -16.22 -3.13 15.89
CA GLU A 279 -16.92 -2.48 16.99
C GLU A 279 -18.44 -2.50 16.76
N LYS A 280 -18.83 -2.48 15.49
CA LYS A 280 -20.25 -2.48 15.13
C LYS A 280 -20.79 -3.89 14.94
N GLY A 281 -19.92 -4.89 15.08
CA GLY A 281 -20.34 -6.27 14.99
C GLY A 281 -20.36 -6.84 13.59
N PHE A 282 -19.42 -6.39 12.76
CA PHE A 282 -19.26 -6.95 11.42
C PHE A 282 -17.78 -7.21 11.15
N THR A 283 -17.49 -7.98 10.12
CA THR A 283 -16.11 -8.11 9.64
C THR A 283 -16.06 -7.92 8.12
N ILE A 284 -15.09 -7.14 7.66
CA ILE A 284 -14.98 -6.81 6.25
C ILE A 284 -13.66 -7.28 5.64
N ASN A 285 -13.73 -8.04 4.56
CA ASN A 285 -12.56 -8.30 3.73
C ASN A 285 -12.84 -7.85 2.30
N GLU A 286 -11.97 -8.22 1.37
CA GLU A 286 -12.11 -7.78 -0.01
C GLU A 286 -13.25 -8.48 -0.74
N TYR A 287 -13.89 -9.43 -0.06
CA TYR A 287 -14.91 -10.26 -0.68
C TYR A 287 -16.31 -9.92 -0.19
N THR A 288 -16.45 -9.86 1.13
CA THR A 288 -17.76 -9.73 1.76
C THR A 288 -17.71 -8.85 2.99
N ILE A 289 -18.89 -8.50 3.49
CA ILE A 289 -19.03 -8.05 4.87
C ILE A 289 -19.93 -9.05 5.57
N ARG A 290 -19.47 -9.58 6.69
CA ARG A 290 -20.21 -10.59 7.42
C ARG A 290 -20.53 -10.14 8.83
N PRO A 291 -21.69 -10.54 9.34
CA PRO A 291 -22.01 -10.28 10.75
C PRO A 291 -21.16 -11.15 11.65
N LEU A 292 -20.97 -10.72 12.90
CA LEU A 292 -20.36 -11.58 13.90
C LEU A 292 -21.44 -12.15 14.79
N GLY A 293 -21.36 -13.45 15.07
CA GLY A 293 -22.23 -14.05 16.06
C GLY A 293 -21.75 -13.58 17.41
N VAL A 294 -22.57 -13.78 18.44
CA VAL A 294 -22.17 -13.46 19.81
C VAL A 294 -20.90 -14.23 20.14
N THR A 295 -20.83 -15.44 19.62
CA THR A 295 -19.65 -16.30 19.69
C THR A 295 -18.36 -15.58 19.26
N GLY A 296 -18.45 -14.75 18.23
CA GLY A 296 -17.25 -14.22 17.61
C GLY A 296 -16.88 -15.00 16.35
N VAL A 297 -17.87 -15.65 15.75
CA VAL A 297 -17.68 -16.35 14.49
C VAL A 297 -18.49 -15.66 13.39
N ALA A 298 -17.85 -15.41 12.25
CA ALA A 298 -18.50 -14.74 11.13
C ALA A 298 -19.75 -15.48 10.67
N GLY A 299 -20.75 -14.72 10.24
CA GLY A 299 -21.96 -15.29 9.69
C GLY A 299 -21.89 -15.34 8.17
N GLU A 300 -23.05 -15.36 7.52
CA GLU A 300 -23.12 -15.39 6.07
C GLU A 300 -22.89 -14.00 5.48
N PRO A 301 -22.43 -13.95 4.21
CA PRO A 301 -22.28 -12.66 3.53
C PRO A 301 -23.59 -11.88 3.42
N LEU A 302 -23.54 -10.60 3.73
CA LEU A 302 -24.70 -9.73 3.64
C LEU A 302 -24.81 -9.17 2.23
N PRO A 303 -26.03 -8.80 1.80
CA PRO A 303 -26.18 -8.25 0.44
C PRO A 303 -25.44 -6.93 0.28
N VAL A 304 -24.69 -6.80 -0.81
CA VAL A 304 -23.96 -5.57 -1.11
C VAL A 304 -24.16 -5.20 -2.57
N ASP A 305 -24.61 -3.99 -2.83
CA ASP A 305 -24.94 -3.58 -4.20
C ASP A 305 -24.28 -2.26 -4.58
N SER A 306 -23.40 -1.78 -3.70
CA SER A 306 -22.64 -0.55 -3.91
C SER A 306 -21.64 -0.41 -2.79
N GLU A 307 -20.63 0.43 -2.97
CA GLU A 307 -19.67 0.71 -1.90
C GLU A 307 -20.41 1.31 -0.70
N LYS A 308 -21.42 2.11 -0.99
CA LYS A 308 -22.21 2.81 0.02
C LYS A 308 -22.92 1.84 0.97
N ASP A 309 -23.33 0.69 0.45
CA ASP A 309 -23.99 -0.33 1.26
C ASP A 309 -23.12 -0.77 2.41
N ILE A 310 -21.82 -0.95 2.14
CA ILE A 310 -20.87 -1.36 3.15
C ILE A 310 -20.76 -0.31 4.24
N PHE A 311 -20.71 0.96 3.83
CA PHE A 311 -20.70 2.08 4.77
C PHE A 311 -21.97 2.10 5.62
N ASP A 312 -23.10 1.79 5.00
CA ASP A 312 -24.38 1.79 5.70
C ASP A 312 -24.45 0.77 6.84
N TYR A 313 -23.95 -0.43 6.58
CA TYR A 313 -23.96 -1.50 7.57
C TYR A 313 -23.29 -1.11 8.87
N ILE A 314 -22.18 -0.39 8.77
CA ILE A 314 -21.39 -0.03 9.93
C ILE A 314 -21.69 1.38 10.42
N GLN A 315 -22.78 1.95 9.91
CA GLN A 315 -23.29 3.25 10.32
C GLN A 315 -22.28 4.37 10.08
N TRP A 316 -21.64 4.33 8.92
CA TRP A 316 -20.76 5.40 8.48
C TRP A 316 -21.39 6.15 7.32
N LYS A 317 -21.31 7.48 7.33
CA LYS A 317 -21.71 8.26 6.17
C LYS A 317 -20.74 7.92 5.04
N TYR A 318 -21.27 7.88 3.81
CA TYR A 318 -20.44 7.52 2.67
C TYR A 318 -19.30 8.50 2.49
N ARG A 319 -18.13 7.99 2.17
CA ARG A 319 -16.98 8.82 1.89
C ARG A 319 -16.41 8.50 0.52
N GLU A 320 -16.44 9.49 -0.36
CA GLU A 320 -15.87 9.36 -1.70
C GLU A 320 -14.41 8.94 -1.60
N PRO A 321 -13.91 8.23 -2.63
CA PRO A 321 -12.50 7.82 -2.66
C PRO A 321 -11.53 8.94 -2.31
N LYS A 322 -11.78 10.15 -2.79
CA LYS A 322 -10.87 11.28 -2.55
C LYS A 322 -10.81 11.71 -1.08
N ASP A 323 -11.76 11.24 -0.28
CA ASP A 323 -11.75 11.54 1.15
C ASP A 323 -11.33 10.32 1.98
N ARG A 324 -10.73 9.34 1.33
CA ARG A 324 -10.26 8.14 2.02
C ARG A 324 -8.74 8.08 2.11
N SER A 325 -8.09 9.21 1.87
CA SER A 325 -6.63 9.27 1.94
C SER A 325 -6.15 9.59 3.35
N GLU A 326 -6.17 8.58 4.21
CA GLU A 326 -5.69 8.74 5.58
C GLU A 326 -4.29 8.13 5.71
OP2 4DU B 7 -12.08 -8.00 11.09
P 4DU B 7 -10.78 -8.06 10.95
O5' 4DU B 7 -10.37 -8.83 9.72
C5' 4DU B 7 -10.63 -8.47 8.37
C4' 4DU B 7 -9.60 -8.93 7.30
C3' 4DU B 7 -9.24 -10.46 7.39
O3' 4DU B 7 -9.85 -11.18 6.40
C2' 4DU B 7 -7.75 -10.43 7.25
C1' 4DU B 7 -7.56 -9.11 6.64
O4' 4DU B 7 -8.43 -8.33 7.31
N9 4DU B 7 -6.21 -8.58 6.84
C4 4DU B 7 -5.46 -8.03 5.94
C3 4DU B 7 -5.65 -7.80 4.65
C2 4DU B 7 -4.70 -7.18 3.89
N1 4DU B 7 -3.54 -6.80 4.50
C6 4DU B 7 -3.41 -7.03 5.79
N6 4DU B 7 -2.32 -6.70 6.40
C5 4DU B 7 -4.36 -7.63 6.49
N7 4DU B 7 -4.44 -7.96 7.75
C8 4DU B 7 -5.58 -8.51 7.95
O1 4DU B 7 -10.18 -8.87 11.77
MG MG E . -0.67 2.07 -5.11
MG MG F . 0.59 -1.28 -4.86
NA NA G . 11.53 -4.02 1.70
NA NA H . -5.76 10.85 22.36
PG 0KX I . 0.58 4.59 -3.26
O1G 0KX I . 0.63 3.28 -4.21
O2G 0KX I . 0.48 5.87 -4.10
O3G 0KX I . 1.81 4.58 -2.43
PB 0KX I . -1.79 3.19 -2.44
O1B 0KX I . -2.10 2.91 -3.85
O2B 0KX I . -2.99 3.75 -1.54
O3B 0KX I . -0.79 4.48 -2.43
PA 0KX I . -0.54 0.56 -2.33
O1A 0KX I . 0.65 0.03 -1.43
O2A 0KX I . -0.18 0.56 -3.78
N3A 0KX I . -1.05 2.01 -1.58
O5' 0KX I . -1.69 -0.52 -1.96
C5' 0KX I . -2.84 -0.52 -2.83
C4' 0KX I . -4.14 -0.66 -2.01
O4' 0KX I . -4.00 -1.91 -1.33
C3' 0KX I . -4.30 0.40 -0.89
O3' 0KX I . -4.82 1.72 -1.33
C2' 0KX I . -5.21 -0.36 0.06
C1' 0KX I . -4.68 -1.83 -0.04
N1 0KX I . -3.80 -2.08 1.16
C2 0KX I . -4.35 -2.49 2.34
N3 0KX I . -3.51 -2.62 3.48
C4 0KX I . -2.13 -2.44 3.35
C5 0KX I . -1.55 -2.03 2.13
C6 0KX I . -2.42 -1.83 1.07
O2 0KX I . -5.57 -2.68 2.48
N4 0KX I . -1.38 -2.59 4.44
#